data_7TB1
#
_entry.id   7TB1
#
_cell.length_a   36.011
_cell.length_b   77.602
_cell.length_c   46.354
_cell.angle_alpha   90.000
_cell.angle_beta   92.420
_cell.angle_gamma   90.000
#
_symmetry.space_group_name_H-M   'P 1 21 1'
#
loop_
_entity.id
_entity.type
_entity.pdbx_description
1 polymer 'E3 ubiquitin-protein ligase CHIP'
2 polymer ALA-CYS-SER-SER-ILE-TRP-CYS-PRO-ASP-GLY
3 non-polymer 1,3-bis(sulfanyl)propan-2-one
4 water water
#
loop_
_entity_poly.entity_id
_entity_poly.type
_entity_poly.pdbx_seq_one_letter_code
_entity_poly.pdbx_strand_id
1 'polypeptide(L)'
;GGGGGSPEKSPSAQELKEQGNRLFVGRKYPEAAACYGRAITRNPLVAVYYTNRALCYLKMQQHEQALADCRRALELDGQS
VKAHFFLGQCQLEMESYDEAIANLQRAYSLAKEQRLNFGDDIPSALRIAKKKRWNSIEER
;
A,B
2 'polypeptide(L)' ACSSIWCPDG C,D
#
# COMPACT_ATOMS: atom_id res chain seq x y z
N SER A 12 -16.33 21.45 13.60
CA SER A 12 -15.08 22.05 13.15
C SER A 12 -14.33 21.11 12.18
N ALA A 13 -13.90 21.67 11.06
CA ALA A 13 -13.20 20.93 10.02
C ALA A 13 -11.85 20.39 10.51
N GLN A 14 -11.17 21.12 11.42
CA GLN A 14 -9.88 20.64 11.95
C GLN A 14 -10.10 19.45 12.89
N GLU A 15 -11.20 19.44 13.66
CA GLU A 15 -11.50 18.31 14.55
C GLU A 15 -11.83 17.07 13.72
N LEU A 16 -12.57 17.24 12.63
CA LEU A 16 -12.91 16.14 11.72
C LEU A 16 -11.66 15.62 11.00
N LYS A 17 -10.72 16.52 10.66
CA LYS A 17 -9.46 16.13 9.99
C LYS A 17 -8.67 15.26 10.96
N GLU A 18 -8.58 15.67 12.23
CA GLU A 18 -7.87 14.90 13.26
C GLU A 18 -8.51 13.54 13.56
N GLN A 19 -9.86 13.45 13.53
CA GLN A 19 -10.59 12.20 13.72
C GLN A 19 -10.28 11.28 12.54
N GLY A 20 -10.27 11.84 11.33
CA GLY A 20 -9.93 11.14 10.10
C GLY A 20 -8.52 10.59 10.18
N ASN A 21 -7.59 11.37 10.73
CA ASN A 21 -6.20 10.95 10.91
C ASN A 21 -6.11 9.78 11.88
N ARG A 22 -6.90 9.80 12.97
CA ARG A 22 -6.90 8.69 13.92
C ARG A 22 -7.46 7.42 13.27
N LEU A 23 -8.51 7.56 12.47
CA LEU A 23 -9.09 6.42 11.77
C LEU A 23 -8.08 5.83 10.76
N PHE A 24 -7.30 6.67 10.08
CA PHE A 24 -6.27 6.22 9.14
C PHE A 24 -5.23 5.37 9.86
N VAL A 25 -4.77 5.83 11.02
CA VAL A 25 -3.79 5.07 11.80
C VAL A 25 -4.37 3.72 12.25
N GLY A 26 -5.68 3.65 12.49
CA GLY A 26 -6.35 2.41 12.85
C GLY A 26 -6.71 1.52 11.67
N ARG A 27 -6.25 1.90 10.46
CA ARG A 27 -6.47 1.21 9.18
C ARG A 27 -7.94 1.13 8.82
N LYS A 28 -8.70 2.18 9.15
CA LYS A 28 -10.12 2.25 8.83
C LYS A 28 -10.24 3.25 7.69
N TYR A 29 -9.76 2.88 6.50
CA TYR A 29 -9.67 3.79 5.36
C TYR A 29 -11.01 4.34 4.83
N PRO A 30 -12.10 3.55 4.59
CA PRO A 30 -13.37 4.18 4.16
C PRO A 30 -13.95 5.10 5.23
N GLU A 31 -13.79 4.74 6.51
CA GLU A 31 -14.26 5.57 7.62
C GLU A 31 -13.45 6.88 7.65
N ALA A 32 -12.12 6.80 7.46
CA ALA A 32 -11.29 7.99 7.42
C ALA A 32 -11.68 8.88 6.23
N ALA A 33 -11.93 8.27 5.04
CA ALA A 33 -12.30 9.06 3.86
C ALA A 33 -13.61 9.80 4.09
N ALA A 34 -14.59 9.13 4.75
CA ALA A 34 -15.88 9.72 5.08
C ALA A 34 -15.68 10.92 6.01
N CYS A 35 -14.81 10.81 7.01
CA CYS A 35 -14.48 11.85 7.97
C CYS A 35 -13.79 13.04 7.26
N TYR A 36 -12.87 12.76 6.29
CA TYR A 36 -12.28 13.89 5.52
C TYR A 36 -13.39 14.60 4.69
N GLY A 37 -14.41 13.85 4.26
CA GLY A 37 -15.56 14.37 3.54
C GLY A 37 -16.35 15.30 4.42
N ARG A 38 -16.49 14.95 5.72
CA ARG A 38 -17.18 15.78 6.70
C ARG A 38 -16.37 17.05 6.89
N ALA A 39 -15.02 16.95 6.98
CA ALA A 39 -14.16 18.13 7.10
C ALA A 39 -14.35 19.05 5.87
N ILE A 40 -14.44 18.45 4.64
CA ILE A 40 -14.69 19.17 3.39
C ILE A 40 -16.04 19.92 3.45
N THR A 41 -17.11 19.28 3.95
CA THR A 41 -18.41 19.91 4.08
CA THR A 41 -18.41 19.95 4.04
C THR A 41 -18.34 21.21 4.91
N ARG A 42 -17.61 21.16 6.01
CA ARG A 42 -17.39 22.25 6.96
C ARG A 42 -16.53 23.37 6.33
N ASN A 43 -15.55 22.99 5.53
CA ASN A 43 -14.68 23.95 4.83
C ASN A 43 -14.14 23.31 3.58
N PRO A 44 -14.77 23.50 2.43
CA PRO A 44 -14.30 22.84 1.20
C PRO A 44 -13.17 23.54 0.46
N LEU A 45 -12.56 24.53 1.08
CA LEU A 45 -11.51 25.31 0.43
C LEU A 45 -10.12 25.06 1.01
N VAL A 46 -9.92 23.88 1.62
CA VAL A 46 -8.66 23.48 2.24
C VAL A 46 -8.10 22.25 1.51
N ALA A 47 -6.94 22.43 0.84
CA ALA A 47 -6.35 21.33 0.05
C ALA A 47 -6.01 20.07 0.83
N VAL A 48 -5.53 20.18 2.08
CA VAL A 48 -5.13 19.01 2.85
C VAL A 48 -6.24 17.96 3.01
N TYR A 49 -7.50 18.38 3.10
CA TYR A 49 -8.59 17.42 3.27
C TYR A 49 -8.73 16.57 2.01
N TYR A 50 -8.56 17.19 0.83
CA TYR A 50 -8.67 16.42 -0.41
C TYR A 50 -7.49 15.48 -0.52
N THR A 51 -6.26 15.95 -0.19
CA THR A 51 -5.06 15.12 -0.24
CA THR A 51 -5.09 15.06 -0.27
C THR A 51 -5.16 13.92 0.71
N ASN A 52 -5.67 14.17 1.92
CA ASN A 52 -5.80 13.11 2.93
C ASN A 52 -6.82 12.08 2.44
N ARG A 53 -7.93 12.52 1.79
CA ARG A 53 -8.94 11.62 1.25
C ARG A 53 -8.42 10.84 0.05
N ALA A 54 -7.57 11.49 -0.79
CA ALA A 54 -6.95 10.85 -1.95
C ALA A 54 -6.08 9.68 -1.47
N LEU A 55 -5.36 9.87 -0.34
CA LEU A 55 -4.54 8.81 0.22
C LEU A 55 -5.43 7.64 0.65
N CYS A 56 -6.60 7.95 1.22
CA CYS A 56 -7.59 6.94 1.64
C CYS A 56 -8.02 6.14 0.43
N TYR A 57 -8.36 6.84 -0.65
CA TYR A 57 -8.78 6.20 -1.88
C TYR A 57 -7.68 5.27 -2.44
N LEU A 58 -6.41 5.72 -2.48
CA LEU A 58 -5.32 4.82 -2.92
C LEU A 58 -5.28 3.52 -2.07
N LYS A 59 -5.39 3.62 -0.72
CA LYS A 59 -5.39 2.43 0.15
C LYS A 59 -6.61 1.53 -0.09
N MET A 60 -7.71 2.13 -0.53
CA MET A 60 -8.96 1.41 -0.86
C MET A 60 -8.96 0.96 -2.35
N GLN A 61 -7.87 1.24 -3.09
CA GLN A 61 -7.64 0.88 -4.48
C GLN A 61 -8.67 1.51 -5.40
N GLN A 62 -9.12 2.75 -5.08
CA GLN A 62 -10.07 3.52 -5.88
C GLN A 62 -9.27 4.68 -6.45
N HIS A 63 -8.44 4.37 -7.44
CA HIS A 63 -7.55 5.36 -8.04
C HIS A 63 -8.30 6.46 -8.81
N GLU A 64 -9.51 6.20 -9.29
CA GLU A 64 -10.28 7.23 -10.00
C GLU A 64 -10.73 8.32 -9.05
N GLN A 65 -11.22 7.92 -7.86
CA GLN A 65 -11.65 8.87 -6.85
C GLN A 65 -10.42 9.56 -6.23
N ALA A 66 -9.29 8.84 -6.10
CA ALA A 66 -8.06 9.43 -5.58
C ALA A 66 -7.60 10.53 -6.54
N LEU A 67 -7.66 10.28 -7.86
CA LEU A 67 -7.24 11.21 -8.91
C LEU A 67 -8.05 12.51 -8.84
N ALA A 68 -9.39 12.38 -8.68
CA ALA A 68 -10.28 13.54 -8.61
C ALA A 68 -9.91 14.41 -7.41
N ASP A 69 -9.60 13.77 -6.26
CA ASP A 69 -9.22 14.53 -5.08
C ASP A 69 -7.88 15.23 -5.26
N CYS A 70 -6.93 14.59 -5.94
CA CYS A 70 -5.63 15.22 -6.19
C CYS A 70 -5.81 16.52 -7.00
N ARG A 71 -6.66 16.47 -8.06
CA ARG A 71 -6.95 17.65 -8.86
C ARG A 71 -7.62 18.75 -8.03
N ARG A 72 -8.53 18.40 -7.11
CA ARG A 72 -9.18 19.40 -6.25
C ARG A 72 -8.14 20.03 -5.34
N ALA A 73 -7.22 19.21 -4.80
CA ALA A 73 -6.16 19.71 -3.94
C ALA A 73 -5.19 20.62 -4.68
N LEU A 74 -4.81 20.25 -5.92
CA LEU A 74 -3.89 21.08 -6.73
C LEU A 74 -4.50 22.43 -7.13
N GLU A 75 -5.83 22.47 -7.28
CA GLU A 75 -6.50 23.74 -7.59
C GLU A 75 -6.48 24.68 -6.36
N LEU A 76 -6.42 24.12 -5.15
CA LEU A 76 -6.37 24.91 -3.92
C LEU A 76 -4.94 25.19 -3.44
N ASP A 77 -4.00 24.29 -3.73
CA ASP A 77 -2.59 24.44 -3.33
C ASP A 77 -1.64 23.83 -4.36
N GLY A 78 -1.19 24.69 -5.27
CA GLY A 78 -0.28 24.29 -6.34
C GLY A 78 1.08 23.81 -5.87
N GLN A 79 1.46 24.08 -4.60
CA GLN A 79 2.74 23.63 -4.07
C GLN A 79 2.67 22.34 -3.25
N SER A 80 1.52 21.72 -3.14
CA SER A 80 1.34 20.49 -2.37
C SER A 80 2.22 19.33 -2.83
N VAL A 81 3.12 18.92 -1.95
CA VAL A 81 4.01 17.78 -2.24
C VAL A 81 3.15 16.50 -2.36
N LYS A 82 2.33 16.25 -1.34
CA LYS A 82 1.50 15.06 -1.32
C LYS A 82 0.55 15.00 -2.48
N ALA A 83 -0.08 16.12 -2.93
CA ALA A 83 -0.98 16.05 -4.07
C ALA A 83 -0.29 15.63 -5.34
N HIS A 84 0.94 16.14 -5.62
CA HIS A 84 1.65 15.70 -6.83
C HIS A 84 2.08 14.23 -6.68
N PHE A 85 2.48 13.83 -5.47
CA PHE A 85 2.92 12.47 -5.21
C PHE A 85 1.76 11.48 -5.40
N PHE A 86 0.59 11.75 -4.76
CA PHE A 86 -0.57 10.87 -4.86
C PHE A 86 -1.06 10.88 -6.34
N LEU A 87 -0.96 12.02 -7.05
CA LEU A 87 -1.36 12.09 -8.47
C LEU A 87 -0.46 11.14 -9.28
N GLY A 88 0.84 11.15 -9.01
CA GLY A 88 1.81 10.27 -9.66
C GLY A 88 1.48 8.81 -9.42
N GLN A 89 1.04 8.46 -8.20
CA GLN A 89 0.66 7.09 -7.86
C GLN A 89 -0.56 6.65 -8.66
N CYS A 90 -1.54 7.56 -8.89
CA CYS A 90 -2.73 7.29 -9.68
C CYS A 90 -2.30 7.05 -11.11
N GLN A 91 -1.43 7.91 -11.66
CA GLN A 91 -1.00 7.77 -13.04
C GLN A 91 -0.17 6.50 -13.21
N LEU A 92 0.56 6.09 -12.16
CA LEU A 92 1.34 4.86 -12.21
C LEU A 92 0.35 3.67 -12.31
N GLU A 93 -0.73 3.69 -11.53
CA GLU A 93 -1.75 2.62 -11.56
C GLU A 93 -2.44 2.56 -12.94
N MET A 94 -2.64 3.71 -13.58
CA MET A 94 -3.23 3.77 -14.91
C MET A 94 -2.21 3.53 -16.03
N GLU A 95 -0.94 3.19 -15.71
CA GLU A 95 0.13 2.96 -16.68
C GLU A 95 0.50 4.18 -17.52
N SER A 96 0.32 5.42 -17.00
CA SER A 96 0.73 6.65 -17.70
C SER A 96 2.09 6.97 -17.03
N TYR A 97 3.11 6.19 -17.40
CA TYR A 97 4.45 6.25 -16.82
C TYR A 97 5.14 7.61 -16.93
N ASP A 98 5.18 8.22 -18.12
CA ASP A 98 5.85 9.53 -18.27
C ASP A 98 5.23 10.59 -17.35
N GLU A 99 3.87 10.64 -17.28
CA GLU A 99 3.18 11.62 -16.45
C GLU A 99 3.42 11.32 -14.99
N ALA A 100 3.38 10.03 -14.62
CA ALA A 100 3.61 9.62 -13.24
C ALA A 100 5.02 10.01 -12.79
N ILE A 101 6.04 9.77 -13.63
CA ILE A 101 7.44 10.11 -13.28
C ILE A 101 7.56 11.63 -13.09
N ALA A 102 6.98 12.40 -14.02
CA ALA A 102 6.99 13.87 -13.93
C ALA A 102 6.38 14.37 -12.62
N ASN A 103 5.25 13.75 -12.17
CA ASN A 103 4.62 14.16 -10.92
C ASN A 103 5.43 13.77 -9.72
N LEU A 104 5.99 12.56 -9.71
CA LEU A 104 6.87 12.11 -8.63
C LEU A 104 8.14 13.02 -8.58
N GLN A 105 8.66 13.41 -9.73
CA GLN A 105 9.84 14.29 -9.80
C GLN A 105 9.46 15.68 -9.25
N ARG A 106 8.25 16.17 -9.57
CA ARG A 106 7.77 17.47 -9.07
C ARG A 106 7.61 17.40 -7.55
N ALA A 107 7.05 16.28 -7.03
CA ALA A 107 6.89 16.06 -5.60
C ALA A 107 8.26 16.11 -4.91
N TYR A 108 9.27 15.48 -5.52
CA TYR A 108 10.65 15.46 -4.99
C TYR A 108 11.18 16.89 -4.93
N SER A 109 11.01 17.63 -6.02
CA SER A 109 11.48 19.03 -6.11
C SER A 109 10.83 19.95 -5.09
N LEU A 110 9.52 19.84 -4.91
CA LEU A 110 8.77 20.65 -3.94
C LEU A 110 9.16 20.26 -2.53
N ALA A 111 9.38 18.95 -2.26
CA ALA A 111 9.77 18.53 -0.92
C ALA A 111 11.13 19.11 -0.56
N LYS A 112 12.06 19.11 -1.52
CA LYS A 112 13.41 19.68 -1.33
C LYS A 112 13.27 21.18 -1.04
N GLU A 113 12.48 21.91 -1.84
CA GLU A 113 12.29 23.35 -1.61
C GLU A 113 11.70 23.63 -0.21
N GLN A 114 10.67 22.88 0.19
CA GLN A 114 9.99 23.07 1.45
C GLN A 114 10.68 22.46 2.66
N ARG A 115 11.85 21.81 2.47
CA ARG A 115 12.61 21.17 3.55
C ARG A 115 11.84 20.06 4.22
N LEU A 116 11.07 19.29 3.41
CA LEU A 116 10.31 18.18 3.96
C LEU A 116 11.12 16.90 3.78
N ASN A 117 11.18 16.08 4.82
CA ASN A 117 11.92 14.82 4.75
C ASN A 117 11.03 13.61 4.91
N PHE A 118 10.78 12.89 3.81
CA PHE A 118 9.98 11.65 3.89
C PHE A 118 10.89 10.41 3.78
N GLY A 119 12.14 10.52 4.21
CA GLY A 119 13.10 9.44 4.13
C GLY A 119 13.40 9.18 2.67
N ASP A 120 13.37 7.91 2.25
CA ASP A 120 13.62 7.56 0.85
C ASP A 120 12.34 7.30 0.06
N ASP A 121 11.16 7.68 0.59
CA ASP A 121 9.86 7.44 -0.03
C ASP A 121 9.73 7.89 -1.47
N ILE A 122 10.13 9.15 -1.79
CA ILE A 122 9.96 9.67 -3.15
C ILE A 122 10.95 9.05 -4.14
N PRO A 123 12.26 8.99 -3.84
CA PRO A 123 13.20 8.31 -4.77
C PRO A 123 12.81 6.82 -4.94
N SER A 124 12.36 6.16 -3.85
CA SER A 124 11.90 4.76 -3.89
C SER A 124 10.75 4.62 -4.91
N ALA A 125 9.77 5.57 -4.86
CA ALA A 125 8.63 5.59 -5.77
C ALA A 125 9.05 5.84 -7.19
N LEU A 126 10.00 6.77 -7.41
CA LEU A 126 10.48 7.08 -8.75
C LEU A 126 11.18 5.85 -9.36
N ARG A 127 11.91 5.11 -8.53
CA ARG A 127 12.58 3.89 -9.01
C ARG A 127 11.55 2.87 -9.45
N ILE A 128 10.42 2.73 -8.72
CA ILE A 128 9.36 1.81 -9.12
C ILE A 128 8.79 2.24 -10.47
N ALA A 129 8.50 3.55 -10.65
CA ALA A 129 7.95 4.04 -11.90
C ALA A 129 8.89 3.88 -13.09
N LYS A 130 10.18 4.21 -12.91
CA LYS A 130 11.13 4.06 -14.02
C LYS A 130 11.30 2.60 -14.39
N LYS A 131 11.29 1.69 -13.39
CA LYS A 131 11.39 0.27 -13.67
C LYS A 131 10.18 -0.19 -14.54
N LYS A 132 8.97 0.26 -14.18
CA LYS A 132 7.77 -0.12 -14.94
C LYS A 132 7.78 0.46 -16.32
N ARG A 133 8.28 1.68 -16.49
CA ARG A 133 8.37 2.33 -17.80
C ARG A 133 9.30 1.52 -18.72
N TRP A 134 10.43 1.04 -18.17
CA TRP A 134 11.36 0.22 -18.95
C TRP A 134 10.73 -1.12 -19.38
N ASN A 135 10.03 -1.80 -18.45
CA ASN A 135 9.36 -3.08 -18.72
C ASN A 135 8.39 -3.01 -19.91
N SER A 136 7.61 -1.93 -19.99
CA SER A 136 6.63 -1.75 -21.07
C SER A 136 7.29 -1.40 -22.39
N ILE A 137 8.41 -0.67 -22.35
CA ILE A 137 9.15 -0.27 -23.56
C ILE A 137 9.94 -1.48 -24.14
N GLU A 138 10.36 -2.41 -23.28
CA GLU A 138 11.10 -3.62 -23.65
C GLU A 138 10.21 -4.55 -24.48
N SER B 12 22.99 -16.27 9.85
CA SER B 12 21.92 -17.25 10.05
C SER B 12 20.60 -16.78 9.39
N ALA B 13 19.69 -17.73 9.10
CA ALA B 13 18.42 -17.39 8.47
C ALA B 13 17.52 -16.59 9.40
N GLN B 14 17.54 -16.91 10.72
CA GLN B 14 16.74 -16.19 11.71
C GLN B 14 17.20 -14.73 11.79
N GLU B 15 18.50 -14.49 11.85
CA GLU B 15 19.09 -13.15 11.92
C GLU B 15 18.69 -12.34 10.69
N LEU B 16 18.74 -12.97 9.50
CA LEU B 16 18.40 -12.31 8.25
C LEU B 16 16.93 -12.00 8.15
N LYS B 17 16.06 -12.89 8.68
CA LYS B 17 14.62 -12.64 8.67
C LYS B 17 14.33 -11.41 9.53
N GLU B 18 14.95 -11.33 10.74
CA GLU B 18 14.81 -10.21 11.65
C GLU B 18 15.38 -8.91 11.08
N GLN B 19 16.53 -8.96 10.39
CA GLN B 19 17.13 -7.78 9.75
C GLN B 19 16.16 -7.28 8.67
N GLY B 20 15.62 -8.21 7.87
CA GLY B 20 14.63 -7.87 6.84
C GLY B 20 13.41 -7.21 7.44
N ASN B 21 12.96 -7.70 8.59
CA ASN B 21 11.80 -7.15 9.31
C ASN B 21 12.06 -5.71 9.74
N ARG B 22 13.28 -5.41 10.24
CA ARG B 22 13.62 -4.04 10.62
C ARG B 22 13.68 -3.16 9.38
N LEU B 23 14.21 -3.68 8.28
CA LEU B 23 14.27 -2.93 7.03
C LEU B 23 12.85 -2.62 6.50
N PHE B 24 11.91 -3.55 6.69
CA PHE B 24 10.51 -3.37 6.28
C PHE B 24 9.87 -2.24 7.10
N VAL B 25 10.12 -2.20 8.42
CA VAL B 25 9.57 -1.15 9.27
C VAL B 25 10.16 0.23 8.84
N GLY B 26 11.45 0.24 8.52
CA GLY B 26 12.13 1.44 8.03
C GLY B 26 11.79 1.80 6.58
N ARG B 27 10.86 1.08 5.95
CA ARG B 27 10.34 1.31 4.57
C ARG B 27 11.38 1.13 3.45
N LYS B 28 12.34 0.22 3.67
CA LYS B 28 13.39 -0.11 2.71
C LYS B 28 12.98 -1.48 2.17
N TYR B 29 11.99 -1.51 1.26
CA TYR B 29 11.41 -2.75 0.73
C TYR B 29 12.35 -3.55 -0.19
N PRO B 30 13.05 -2.97 -1.20
CA PRO B 30 13.98 -3.79 -1.99
C PRO B 30 15.08 -4.39 -1.08
N GLU B 31 15.57 -3.60 -0.11
CA GLU B 31 16.57 -4.07 0.85
C GLU B 31 16.00 -5.20 1.70
N ALA B 32 14.75 -5.06 2.16
CA ALA B 32 14.10 -6.11 2.95
C ALA B 32 13.95 -7.38 2.15
N ALA B 33 13.49 -7.29 0.87
CA ALA B 33 13.30 -8.45 0.01
C ALA B 33 14.60 -9.21 -0.17
N ALA B 34 15.71 -8.47 -0.34
CA ALA B 34 17.02 -9.06 -0.50
C ALA B 34 17.48 -9.80 0.76
N CYS B 35 17.19 -9.28 1.98
CA CYS B 35 17.53 -9.98 3.22
C CYS B 35 16.70 -11.28 3.29
N TYR B 36 15.40 -11.22 2.89
CA TYR B 36 14.59 -12.46 2.91
C TYR B 36 15.18 -13.49 1.91
N GLY B 37 15.73 -13.01 0.78
CA GLY B 37 16.40 -13.83 -0.22
C GLY B 37 17.61 -14.52 0.38
N ARG B 38 18.36 -13.79 1.21
CA ARG B 38 19.54 -14.34 1.90
C ARG B 38 19.08 -15.39 2.93
N ALA B 39 17.94 -15.16 3.60
CA ALA B 39 17.38 -16.14 4.55
C ALA B 39 17.02 -17.44 3.78
N ILE B 40 16.45 -17.30 2.58
CA ILE B 40 16.08 -18.38 1.67
C ILE B 40 17.33 -19.18 1.25
N THR B 41 18.46 -18.50 1.02
CA THR B 41 19.71 -19.16 0.66
CA THR B 41 19.69 -19.22 0.65
C THR B 41 20.15 -20.10 1.80
N ARG B 42 20.02 -19.62 3.06
CA ARG B 42 20.40 -20.42 4.23
C ARG B 42 19.42 -21.59 4.40
N ASN B 43 18.13 -21.35 4.27
CA ASN B 43 17.13 -22.42 4.39
C ASN B 43 15.98 -22.17 3.43
N PRO B 44 15.98 -22.80 2.23
CA PRO B 44 14.89 -22.55 1.28
C PRO B 44 13.62 -23.34 1.53
N LEU B 45 13.47 -23.93 2.73
CA LEU B 45 12.31 -24.74 3.04
C LEU B 45 11.45 -24.16 4.16
N VAL B 46 11.51 -22.82 4.36
CA VAL B 46 10.74 -22.11 5.36
C VAL B 46 9.75 -21.20 4.62
N ALA B 47 8.44 -21.50 4.73
CA ALA B 47 7.43 -20.73 3.99
C ALA B 47 7.40 -19.24 4.28
N VAL B 48 7.58 -18.87 5.54
CA VAL B 48 7.50 -17.50 5.98
C VAL B 48 8.49 -16.56 5.28
N TYR B 49 9.63 -17.06 4.80
CA TYR B 49 10.57 -16.19 4.11
C TYR B 49 9.97 -15.75 2.77
N TYR B 50 9.28 -16.67 2.08
CA TYR B 50 8.65 -16.34 0.80
C TYR B 50 7.46 -15.43 1.04
N THR B 51 6.70 -15.63 2.14
CA THR B 51 5.54 -14.81 2.47
CA THR B 51 5.55 -14.76 2.42
C THR B 51 5.97 -13.36 2.77
N ASN B 52 7.05 -13.23 3.53
CA ASN B 52 7.61 -11.93 3.89
C ASN B 52 8.13 -11.26 2.64
N ARG B 53 8.79 -12.01 1.74
CA ARG B 53 9.30 -11.40 0.51
C ARG B 53 8.15 -11.01 -0.43
N ALA B 54 7.06 -11.80 -0.46
CA ALA B 54 5.91 -11.48 -1.31
C ALA B 54 5.29 -10.14 -0.91
N LEU B 55 5.22 -9.86 0.41
CA LEU B 55 4.72 -8.62 0.95
C LEU B 55 5.63 -7.49 0.49
N CYS B 56 6.97 -7.72 0.45
CA CYS B 56 7.91 -6.72 -0.01
C CYS B 56 7.62 -6.35 -1.45
N TYR B 57 7.39 -7.37 -2.30
CA TYR B 57 7.05 -7.17 -3.71
C TYR B 57 5.74 -6.41 -3.87
N LEU B 58 4.75 -6.67 -2.98
CA LEU B 58 3.48 -5.93 -3.04
C LEU B 58 3.73 -4.42 -2.81
N LYS B 59 4.56 -4.08 -1.80
CA LYS B 59 4.92 -2.71 -1.47
C LYS B 59 5.77 -2.06 -2.57
N MET B 60 6.49 -2.87 -3.37
CA MET B 60 7.33 -2.45 -4.53
C MET B 60 6.49 -2.48 -5.84
N GLN B 61 5.18 -2.83 -5.77
CA GLN B 61 4.25 -2.91 -6.88
C GLN B 61 4.70 -3.91 -7.95
N GLN B 62 5.36 -5.01 -7.53
CA GLN B 62 5.82 -6.06 -8.42
C GLN B 62 4.95 -7.29 -8.15
N HIS B 63 3.69 -7.20 -8.56
CA HIS B 63 2.73 -8.26 -8.33
C HIS B 63 3.11 -9.63 -8.94
N GLU B 64 3.76 -9.68 -10.12
CA GLU B 64 4.15 -10.98 -10.69
C GLU B 64 5.18 -11.69 -9.80
N GLN B 65 6.15 -10.95 -9.22
CA GLN B 65 7.15 -11.56 -8.33
C GLN B 65 6.49 -11.93 -6.99
N ALA B 66 5.53 -11.11 -6.51
CA ALA B 66 4.82 -11.41 -5.27
C ALA B 66 4.03 -12.74 -5.45
N LEU B 67 3.42 -12.93 -6.61
CA LEU B 67 2.61 -14.10 -6.94
C LEU B 67 3.47 -15.38 -6.89
N ALA B 68 4.67 -15.33 -7.50
CA ALA B 68 5.57 -16.49 -7.54
C ALA B 68 5.99 -16.84 -6.08
N ASP B 69 6.22 -15.83 -5.22
CA ASP B 69 6.56 -16.11 -3.82
C ASP B 69 5.37 -16.71 -3.05
N CYS B 70 4.14 -16.24 -3.31
CA CYS B 70 2.95 -16.81 -2.68
C CYS B 70 2.81 -18.29 -3.03
N ARG B 71 3.02 -18.64 -4.31
CA ARG B 71 2.98 -20.02 -4.72
C ARG B 71 4.06 -20.86 -4.00
N ARG B 72 5.30 -20.34 -3.89
CA ARG B 72 6.38 -21.05 -3.23
C ARG B 72 6.04 -21.24 -1.73
N ALA B 73 5.43 -20.24 -1.12
CA ALA B 73 5.04 -20.32 0.29
C ALA B 73 3.94 -21.37 0.53
N LEU B 74 2.93 -21.42 -0.34
CA LEU B 74 1.78 -22.34 -0.25
C LEU B 74 2.18 -23.78 -0.46
N GLU B 75 3.25 -24.02 -1.23
CA GLU B 75 3.73 -25.37 -1.45
C GLU B 75 4.40 -25.91 -0.18
N LEU B 76 4.99 -25.03 0.66
CA LEU B 76 5.65 -25.38 1.92
C LEU B 76 4.71 -25.36 3.14
N ASP B 77 3.66 -24.50 3.12
CA ASP B 77 2.69 -24.36 4.21
C ASP B 77 1.31 -24.03 3.67
N GLY B 78 0.51 -25.05 3.38
CA GLY B 78 -0.85 -24.88 2.88
C GLY B 78 -1.82 -24.16 3.80
N GLN B 79 -1.49 -24.02 5.09
CA GLN B 79 -2.34 -23.32 6.06
C GLN B 79 -1.97 -21.84 6.26
N SER B 80 -1.00 -21.33 5.49
CA SER B 80 -0.55 -19.95 5.63
C SER B 80 -1.62 -18.90 5.36
N VAL B 81 -2.01 -18.17 6.41
CA VAL B 81 -3.00 -17.08 6.28
C VAL B 81 -2.44 -15.98 5.35
N LYS B 82 -1.23 -15.50 5.65
CA LYS B 82 -0.64 -14.44 4.84
C LYS B 82 -0.40 -14.87 3.40
N ALA B 83 0.04 -16.12 3.12
CA ALA B 83 0.24 -16.51 1.71
C ALA B 83 -1.08 -16.44 0.92
N HIS B 84 -2.22 -16.88 1.51
CA HIS B 84 -3.51 -16.80 0.81
C HIS B 84 -3.93 -15.32 0.63
N PHE B 85 -3.71 -14.53 1.66
CA PHE B 85 -4.07 -13.10 1.62
C PHE B 85 -3.27 -12.35 0.55
N PHE B 86 -1.91 -12.47 0.55
CA PHE B 86 -1.12 -11.78 -0.47
C PHE B 86 -1.43 -12.34 -1.86
N LEU B 87 -1.77 -13.63 -1.96
CA LEU B 87 -2.13 -14.22 -3.26
C LEU B 87 -3.41 -13.56 -3.78
N GLY B 88 -4.38 -13.31 -2.89
CA GLY B 88 -5.63 -12.65 -3.25
C GLY B 88 -5.37 -11.23 -3.71
N GLN B 89 -4.40 -10.53 -3.09
CA GLN B 89 -4.03 -9.16 -3.48
C GLN B 89 -3.44 -9.15 -4.89
N CYS B 90 -2.63 -10.17 -5.22
CA CYS B 90 -2.05 -10.31 -6.54
C CYS B 90 -3.15 -10.55 -7.55
N GLN B 91 -4.09 -11.44 -7.21
CA GLN B 91 -5.18 -11.76 -8.12
C GLN B 91 -6.13 -10.58 -8.29
N LEU B 92 -6.25 -9.72 -7.28
CA LEU B 92 -7.07 -8.51 -7.37
C LEU B 92 -6.42 -7.56 -8.39
N GLU B 93 -5.07 -7.35 -8.27
CA GLU B 93 -4.34 -6.49 -9.22
C GLU B 93 -4.43 -7.06 -10.67
N MET B 94 -4.48 -8.40 -10.80
CA MET B 94 -4.63 -9.09 -12.08
C MET B 94 -6.09 -9.11 -12.61
N GLU B 95 -7.04 -8.47 -11.88
CA GLU B 95 -8.46 -8.44 -12.23
C GLU B 95 -9.13 -9.83 -12.25
N SER B 96 -8.57 -10.78 -11.47
CA SER B 96 -9.08 -12.14 -11.31
C SER B 96 -9.86 -12.08 -10.00
N TYR B 97 -11.02 -11.40 -10.04
CA TYR B 97 -11.86 -11.13 -8.87
C TYR B 97 -12.40 -12.32 -8.15
N ASP B 98 -13.00 -13.31 -8.82
CA ASP B 98 -13.57 -14.47 -8.11
C ASP B 98 -12.49 -15.23 -7.33
N GLU B 99 -11.32 -15.40 -7.96
CA GLU B 99 -10.19 -16.09 -7.34
C GLU B 99 -9.67 -15.28 -6.18
N ALA B 100 -9.56 -13.93 -6.35
CA ALA B 100 -9.08 -13.05 -5.29
C ALA B 100 -9.99 -13.14 -4.09
N ILE B 101 -11.33 -13.08 -4.32
CA ILE B 101 -12.29 -13.17 -3.22
C ILE B 101 -12.18 -14.54 -2.50
N ALA B 102 -12.05 -15.63 -3.26
CA ALA B 102 -11.89 -16.97 -2.67
C ALA B 102 -10.65 -17.04 -1.77
N ASN B 103 -9.51 -16.45 -2.22
CA ASN B 103 -8.31 -16.45 -1.43
C ASN B 103 -8.41 -15.59 -0.18
N LEU B 104 -9.03 -14.40 -0.27
CA LEU B 104 -9.23 -13.57 0.92
C LEU B 104 -10.20 -14.30 1.90
N GLN B 105 -11.21 -14.97 1.37
CA GLN B 105 -12.17 -15.74 2.22
C GLN B 105 -11.43 -16.88 2.93
N ARG B 106 -10.54 -17.56 2.19
CA ARG B 106 -9.73 -18.64 2.76
C ARG B 106 -8.82 -18.08 3.85
N ALA B 107 -8.21 -16.88 3.63
CA ALA B 107 -7.35 -16.26 4.63
C ALA B 107 -8.16 -15.95 5.88
N TYR B 108 -9.40 -15.45 5.72
CA TYR B 108 -10.26 -15.12 6.85
C TYR B 108 -10.53 -16.39 7.67
N SER B 109 -10.90 -17.47 6.96
CA SER B 109 -11.20 -18.77 7.59
C SER B 109 -10.02 -19.31 8.35
N LEU B 110 -8.85 -19.33 7.71
CA LEU B 110 -7.63 -19.80 8.31
C LEU B 110 -7.24 -18.98 9.51
N ALA B 111 -7.43 -17.65 9.44
CA ALA B 111 -7.07 -16.78 10.57
C ALA B 111 -7.99 -17.05 11.77
N LYS B 112 -9.29 -17.27 11.49
CA LYS B 112 -10.29 -17.58 12.51
C LYS B 112 -9.88 -18.90 13.21
N GLU B 113 -9.54 -19.94 12.44
CA GLU B 113 -9.12 -21.24 12.99
C GLU B 113 -7.83 -21.14 13.80
N GLN B 114 -6.88 -20.32 13.33
CA GLN B 114 -5.61 -20.15 14.01
C GLN B 114 -5.65 -19.11 15.14
N ARG B 115 -6.81 -18.45 15.38
CA ARG B 115 -7.04 -17.41 16.39
C ARG B 115 -6.09 -16.22 16.20
N LEU B 116 -5.95 -15.78 14.94
CA LEU B 116 -5.07 -14.67 14.56
C LEU B 116 -5.89 -13.39 14.45
N ASN B 117 -5.44 -12.32 15.12
CA ASN B 117 -6.17 -11.06 15.08
C ASN B 117 -5.47 -10.00 14.25
N PHE B 118 -6.02 -9.68 13.07
CA PHE B 118 -5.45 -8.61 12.23
C PHE B 118 -6.41 -7.40 12.18
N GLY B 119 -7.24 -7.23 13.22
CA GLY B 119 -8.24 -6.16 13.27
C GLY B 119 -9.25 -6.40 12.17
N ASP B 120 -9.57 -5.35 11.41
CA ASP B 120 -10.50 -5.51 10.30
C ASP B 120 -9.78 -5.61 8.96
N ASP B 121 -8.50 -6.03 8.93
CA ASP B 121 -7.76 -6.11 7.66
C ASP B 121 -8.34 -7.03 6.60
N ILE B 122 -8.71 -8.27 6.99
CA ILE B 122 -9.23 -9.20 5.98
C ILE B 122 -10.63 -8.78 5.50
N PRO B 123 -11.61 -8.46 6.38
CA PRO B 123 -12.93 -8.02 5.88
C PRO B 123 -12.85 -6.75 5.02
N SER B 124 -11.93 -5.81 5.35
CA SER B 124 -11.78 -4.58 4.56
C SER B 124 -11.33 -4.93 3.13
N ALA B 125 -10.37 -5.87 3.00
CA ALA B 125 -9.85 -6.32 1.71
C ALA B 125 -10.92 -6.97 0.87
N LEU B 126 -11.77 -7.79 1.55
CA LEU B 126 -12.87 -8.49 0.91
C LEU B 126 -13.87 -7.48 0.32
N ARG B 127 -14.17 -6.43 1.09
CA ARG B 127 -15.09 -5.41 0.60
C ARG B 127 -14.52 -4.69 -0.64
N ILE B 128 -13.19 -4.44 -0.70
CA ILE B 128 -12.60 -3.81 -1.88
C ILE B 128 -12.79 -4.72 -3.10
N ALA B 129 -12.47 -6.02 -2.93
CA ALA B 129 -12.58 -6.98 -4.01
C ALA B 129 -14.01 -7.17 -4.47
N LYS B 130 -14.98 -7.27 -3.55
CA LYS B 130 -16.38 -7.43 -3.94
C LYS B 130 -16.87 -6.22 -4.73
N LYS B 131 -16.43 -5.01 -4.34
CA LYS B 131 -16.79 -3.76 -5.02
C LYS B 131 -16.27 -3.78 -6.46
N LYS B 132 -15.04 -4.30 -6.69
CA LYS B 132 -14.48 -4.38 -8.05
C LYS B 132 -15.15 -5.47 -8.87
N ARG B 133 -15.51 -6.60 -8.22
CA ARG B 133 -16.23 -7.69 -8.88
C ARG B 133 -17.60 -7.15 -9.41
N TRP B 134 -18.20 -6.18 -8.70
CA TRP B 134 -19.46 -5.54 -9.04
C TRP B 134 -19.28 -4.43 -10.10
N ASN B 135 -18.33 -3.51 -9.89
CA ASN B 135 -18.05 -2.40 -10.81
C ASN B 135 -17.56 -2.80 -12.21
N SER B 136 -17.45 -4.10 -12.49
CA SER B 136 -17.02 -4.58 -13.80
C SER B 136 -18.11 -5.45 -14.48
N ILE B 137 -19.39 -5.25 -14.11
CA ILE B 137 -20.51 -6.01 -14.67
C ILE B 137 -21.42 -5.12 -15.53
N ALA C 1 3.25 -3.59 18.39
CA ALA C 1 3.50 -2.95 17.11
C ALA C 1 3.37 -3.96 15.96
N CYS C 2 3.16 -3.45 14.73
CA CYS C 2 3.04 -4.28 13.53
C CYS C 2 1.95 -5.34 13.65
N SER C 3 0.72 -4.94 13.99
CA SER C 3 -0.38 -5.88 14.15
C SER C 3 -1.15 -6.15 12.86
N SER C 4 -0.91 -5.34 11.83
CA SER C 4 -1.59 -5.50 10.56
C SER C 4 -1.15 -6.76 9.84
N ILE C 5 -2.02 -7.28 8.98
CA ILE C 5 -1.64 -8.42 8.16
C ILE C 5 -0.56 -7.98 7.13
N TRP C 6 -0.50 -6.68 6.79
CA TRP C 6 0.46 -6.11 5.86
C TRP C 6 1.81 -5.86 6.52
N CYS C 7 2.21 -6.78 7.41
CA CYS C 7 3.47 -6.80 8.14
C CYS C 7 4.09 -8.17 8.01
N PRO C 8 5.42 -8.22 7.96
CA PRO C 8 6.09 -9.51 7.91
C PRO C 8 6.00 -10.23 9.27
N ASP C 9 6.11 -11.55 9.24
CA ASP C 9 6.05 -12.37 10.44
C ASP C 9 7.36 -12.30 11.24
N GLY C 10 7.22 -12.50 12.54
CA GLY C 10 8.31 -12.58 13.51
C GLY C 10 9.15 -11.35 13.72
N ALA D 1 4.80 8.40 14.87
CA ALA D 1 5.18 9.71 14.36
C ALA D 1 4.63 9.97 12.95
N CYS D 2 4.31 8.90 12.18
CA CYS D 2 3.77 9.00 10.82
C CYS D 2 4.59 9.98 9.94
N SER D 3 5.88 9.69 9.75
CA SER D 3 6.75 10.54 8.95
C SER D 3 6.79 10.17 7.46
N SER D 4 6.16 9.07 7.07
CA SER D 4 6.13 8.63 5.70
C SER D 4 5.23 9.53 4.88
N ILE D 5 5.49 9.62 3.56
CA ILE D 5 4.63 10.40 2.68
C ILE D 5 3.25 9.73 2.52
N TRP D 6 3.16 8.40 2.78
CA TRP D 6 1.92 7.63 2.71
C TRP D 6 1.09 7.79 3.98
N CYS D 7 1.16 8.98 4.64
CA CYS D 7 0.43 9.33 5.84
C CYS D 7 -0.30 10.66 5.61
N PRO D 8 -1.49 10.81 6.19
CA PRO D 8 -2.22 12.07 6.04
C PRO D 8 -1.50 13.18 6.84
N ASP D 9 -1.66 14.46 6.42
CA ASP D 9 -1.06 15.56 7.16
C ASP D 9 -1.92 15.74 8.43
N GLY D 10 -1.26 15.99 9.55
CA GLY D 10 -1.95 16.19 10.82
C GLY D 10 -1.07 15.95 12.01
#